data_6CPY
#
_entry.id   6CPY
#
_cell.length_a   61.492
_cell.length_b   61.496
_cell.length_c   144.764
_cell.angle_alpha   90.00
_cell.angle_beta   90.00
_cell.angle_gamma   90.00
#
_symmetry.space_group_name_H-M   'P 21 21 21'
#
loop_
_entity.id
_entity.type
_entity.pdbx_description
1 polymer 'GRMZM2G135359 pseudokinase'
2 water water
#
_entity_poly.entity_id   1
_entity_poly.type   'polypeptide(L)'
_entity_poly.pdbx_seq_one_letter_code
;SMRAKKMGTVRPWATGLSGQLQKAFVTGVPSLKRSELETACEDFSNIIGSTSTCMLYKGTLSSGVEIAVASSLVTSAKDW
SKENESQYRKKITNLSKVSHKNFMNLLGYCEEEHPFTRVMVFEYAPNGTLFEHLHVREAEKLDWMARLRISMGIAYCLEH
MHQLQTPAALRNFDSTTVYLTDDFAAKVSDLEFWNDAKGHNSTTNNELAFSPDMEDIVRKYGMVLLEILTGRVPSSEDDG
PLENWVSRYFEGGMRLEELIDPSIGFFPEDTARALCEVVRSCIDRDPKKRPQMKEVAARMREITALGP
;
_entity_poly.pdbx_strand_id   A,B
#
# COMPACT_ATOMS: atom_id res chain seq x y z
N SER A 1 -43.87 54.59 -4.07
CA SER A 1 -42.95 55.11 -3.01
C SER A 1 -43.43 54.77 -1.58
N MET A 2 -44.31 53.79 -1.44
CA MET A 2 -44.92 53.47 -0.15
C MET A 2 -44.64 52.03 0.30
N ARG A 3 -44.52 51.83 1.61
CA ARG A 3 -44.09 50.55 2.16
C ARG A 3 -45.05 49.42 1.79
N ALA A 4 -44.49 48.30 1.31
CA ALA A 4 -45.25 47.08 1.08
C ALA A 4 -44.54 45.92 1.77
N LYS A 5 -44.97 45.66 3.00
CA LYS A 5 -44.33 44.71 3.90
C LYS A 5 -45.17 43.43 3.93
N LYS A 6 -44.53 42.29 3.69
CA LYS A 6 -45.19 41.00 3.74
C LYS A 6 -44.46 40.07 4.71
N MET A 7 -45.02 38.88 4.91
CA MET A 7 -44.35 37.82 5.67
CA MET A 7 -44.32 37.83 5.63
C MET A 7 -44.61 36.48 4.98
N GLY A 8 -43.62 35.61 4.98
CA GLY A 8 -43.76 34.29 4.40
C GLY A 8 -44.74 33.46 5.20
N THR A 9 -45.43 32.57 4.52
CA THR A 9 -46.43 31.71 5.13
C THR A 9 -46.06 30.24 4.87
N VAL A 10 -46.18 29.40 5.89
CA VAL A 10 -45.87 27.98 5.75
C VAL A 10 -46.94 27.25 4.94
N VAL A 26 -31.58 18.53 6.19
CA VAL A 26 -30.71 19.10 7.22
C VAL A 26 -29.37 18.34 7.37
N THR A 27 -28.79 17.94 6.24
CA THR A 27 -27.51 17.22 6.26
C THR A 27 -26.81 17.23 4.88
N GLY A 28 -25.57 16.72 4.83
CA GLY A 28 -24.73 16.76 3.61
C GLY A 28 -24.47 15.45 2.85
N VAL A 29 -25.38 14.48 2.95
CA VAL A 29 -25.38 13.29 2.07
C VAL A 29 -26.74 13.27 1.35
N PRO A 30 -26.82 12.66 0.17
CA PRO A 30 -28.07 12.83 -0.58
C PRO A 30 -29.29 12.10 -0.03
N SER A 31 -30.44 12.74 -0.18
CA SER A 31 -31.73 12.09 -0.03
C SER A 31 -32.03 11.33 -1.31
N LEU A 32 -32.44 10.08 -1.17
CA LEU A 32 -32.83 9.28 -2.31
C LEU A 32 -34.34 9.05 -2.29
N LYS A 33 -34.95 9.06 -3.47
CA LYS A 33 -36.38 8.75 -3.57
C LYS A 33 -36.61 7.28 -3.28
N ARG A 34 -37.73 6.93 -2.65
CA ARG A 34 -38.04 5.52 -2.47
C ARG A 34 -38.10 4.79 -3.82
N SER A 35 -38.64 5.45 -4.84
CA SER A 35 -38.75 4.82 -6.15
C SER A 35 -37.37 4.40 -6.68
N GLU A 36 -36.36 5.25 -6.49
CA GLU A 36 -34.98 4.91 -6.89
C GLU A 36 -34.44 3.69 -6.13
N LEU A 37 -34.71 3.62 -4.83
CA LEU A 37 -34.26 2.49 -4.02
C LEU A 37 -35.01 1.21 -4.31
N GLU A 38 -36.30 1.32 -4.63
CA GLU A 38 -37.09 0.18 -5.06
C GLU A 38 -36.44 -0.47 -6.28
N THR A 39 -36.07 0.35 -7.25
CA THR A 39 -35.39 -0.12 -8.45
C THR A 39 -34.01 -0.70 -8.07
N ALA A 40 -33.25 0.07 -7.31
CA ALA A 40 -31.90 -0.34 -6.92
C ALA A 40 -31.86 -1.67 -6.17
N CYS A 41 -32.85 -1.91 -5.30
CA CYS A 41 -32.89 -3.12 -4.47
C CYS A 41 -33.91 -4.16 -4.91
N GLU A 42 -34.38 -4.09 -6.16
CA GLU A 42 -35.37 -5.05 -6.66
C GLU A 42 -36.55 -5.18 -5.69
N ASP A 43 -37.11 -4.04 -5.31
CA ASP A 43 -38.19 -3.98 -4.33
C ASP A 43 -37.85 -4.72 -3.01
N PHE A 44 -36.60 -4.61 -2.57
CA PHE A 44 -36.16 -5.15 -1.29
C PHE A 44 -36.33 -6.68 -1.16
N SER A 45 -35.95 -7.39 -2.21
CA SER A 45 -36.08 -8.84 -2.30
C SER A 45 -34.77 -9.59 -2.08
N ASN A 46 -33.67 -8.86 -1.92
CA ASN A 46 -32.36 -9.49 -1.81
C ASN A 46 -31.73 -9.17 -0.45
N ILE A 47 -31.86 -10.09 0.50
CA ILE A 47 -31.46 -9.85 1.89
C ILE A 47 -29.99 -10.21 2.13
N ILE A 48 -29.25 -9.25 2.67
CA ILE A 48 -27.85 -9.45 3.07
C ILE A 48 -27.81 -10.02 4.48
N GLY A 49 -28.65 -9.48 5.35
CA GLY A 49 -28.72 -9.90 6.75
C GLY A 49 -29.70 -9.08 7.56
N SER A 50 -29.53 -9.09 8.88
CA SER A 50 -30.45 -8.42 9.80
C SER A 50 -29.79 -8.16 11.15
N THR A 51 -30.27 -7.14 11.85
CA THR A 51 -29.80 -6.80 13.20
C THR A 51 -31.02 -6.66 14.14
N SER A 52 -30.79 -6.19 15.37
CA SER A 52 -31.87 -6.03 16.35
C SER A 52 -32.79 -4.86 16.03
N THR A 53 -32.34 -3.94 15.19
CA THR A 53 -33.13 -2.78 14.81
C THR A 53 -33.34 -2.64 13.30
N CYS A 54 -32.86 -3.58 12.48
CA CYS A 54 -32.90 -3.38 11.03
C CYS A 54 -32.73 -4.62 10.15
N MET A 55 -33.30 -4.54 8.94
CA MET A 55 -33.06 -5.49 7.85
C MET A 55 -32.00 -4.89 6.96
N LEU A 56 -31.16 -5.73 6.35
CA LEU A 56 -30.13 -5.26 5.42
C LEU A 56 -30.36 -5.81 4.01
N TYR A 57 -30.56 -4.90 3.06
CA TYR A 57 -30.91 -5.27 1.68
C TYR A 57 -29.79 -4.91 0.73
N LYS A 58 -29.60 -5.77 -0.26
CA LYS A 58 -28.62 -5.51 -1.29
C LYS A 58 -29.27 -4.71 -2.40
N GLY A 59 -28.54 -3.72 -2.91
CA GLY A 59 -28.95 -3.04 -4.12
C GLY A 59 -27.78 -2.59 -4.96
N THR A 60 -28.11 -2.01 -6.12
CA THR A 60 -27.15 -1.39 -7.00
C THR A 60 -27.77 -0.12 -7.57
N LEU A 61 -27.11 1.01 -7.32
CA LEU A 61 -27.58 2.29 -7.84
C LEU A 61 -27.36 2.35 -9.35
N SER A 62 -28.05 3.26 -10.02
CA SER A 62 -27.94 3.38 -11.48
C SER A 62 -26.52 3.71 -11.94
N SER A 63 -25.73 4.30 -11.04
CA SER A 63 -24.29 4.52 -11.26
C SER A 63 -23.44 3.25 -11.32
N GLY A 64 -23.98 2.13 -10.87
CA GLY A 64 -23.25 0.87 -10.73
C GLY A 64 -22.71 0.62 -9.33
N VAL A 65 -22.83 1.62 -8.46
CA VAL A 65 -22.33 1.49 -7.09
C VAL A 65 -23.23 0.54 -6.31
N GLU A 66 -22.64 -0.52 -5.75
CA GLU A 66 -23.37 -1.47 -4.94
C GLU A 66 -23.59 -0.89 -3.55
N ILE A 67 -24.75 -1.17 -2.97
CA ILE A 67 -25.16 -0.60 -1.70
C ILE A 67 -25.72 -1.64 -0.77
N ALA A 68 -25.61 -1.37 0.52
CA ALA A 68 -26.28 -2.12 1.53
C ALA A 68 -27.25 -1.14 2.17
N VAL A 69 -28.52 -1.50 2.17
CA VAL A 69 -29.57 -0.61 2.64
C VAL A 69 -30.06 -1.11 3.98
N ALA A 70 -29.91 -0.30 5.02
CA ALA A 70 -30.38 -0.62 6.36
C ALA A 70 -31.77 -0.02 6.51
N SER A 71 -32.75 -0.86 6.81
CA SER A 71 -34.14 -0.46 6.83
C SER A 71 -34.74 -0.77 8.19
N SER A 72 -35.46 0.21 8.74
CA SER A 72 -36.14 0.04 10.01
C SER A 72 -37.11 -1.13 9.96
N LEU A 73 -37.32 -1.76 11.11
CA LEU A 73 -38.31 -2.81 11.23
C LEU A 73 -39.73 -2.24 11.36
N VAL A 74 -39.82 -0.93 11.65
CA VAL A 74 -41.10 -0.24 11.77
C VAL A 74 -41.83 -0.20 10.42
N THR A 75 -43.11 -0.60 10.42
CA THR A 75 -43.88 -0.78 9.19
C THR A 75 -45.07 0.20 9.03
N SER A 76 -45.21 1.14 9.96
CA SER A 76 -46.32 2.10 9.95
C SER A 76 -45.88 3.36 10.65
N ALA A 77 -46.37 4.50 10.18
CA ALA A 77 -46.16 5.78 10.84
C ALA A 77 -46.71 5.79 12.28
N LYS A 78 -47.70 4.93 12.56
CA LYS A 78 -48.27 4.82 13.90
C LYS A 78 -47.28 4.25 14.92
N ASP A 79 -46.27 3.53 14.44
CA ASP A 79 -45.30 2.86 15.30
C ASP A 79 -43.98 3.63 15.38
N TRP A 80 -43.93 4.82 14.76
CA TRP A 80 -42.73 5.64 14.72
C TRP A 80 -42.93 6.91 15.57
N SER A 81 -42.10 7.11 16.58
CA SER A 81 -42.23 8.26 17.47
C SER A 81 -41.39 9.46 17.01
N LYS A 82 -41.67 10.62 17.59
CA LYS A 82 -40.84 11.81 17.36
C LYS A 82 -39.39 11.58 17.80
N GLU A 83 -39.21 10.75 18.83
CA GLU A 83 -37.85 10.39 19.31
C GLU A 83 -37.13 9.53 18.27
N ASN A 84 -37.86 8.56 17.70
CA ASN A 84 -37.31 7.74 16.62
C ASN A 84 -36.81 8.63 15.49
N GLU A 85 -37.65 9.61 15.09
CA GLU A 85 -37.30 10.51 14.01
C GLU A 85 -36.07 11.33 14.37
N SER A 86 -36.02 11.80 15.60
CA SER A 86 -34.91 12.60 16.07
C SER A 86 -33.59 11.81 16.04
N GLN A 87 -33.62 10.57 16.53
CA GLN A 87 -32.44 9.71 16.53
C GLN A 87 -32.01 9.30 15.13
N TYR A 88 -32.98 9.15 14.25
CA TYR A 88 -32.72 8.87 12.84
C TYR A 88 -31.93 10.00 12.18
N ARG A 89 -32.41 11.23 12.34
CA ARG A 89 -31.71 12.37 11.73
C ARG A 89 -30.35 12.59 12.38
N LYS A 90 -30.28 12.40 13.69
CA LYS A 90 -29.04 12.56 14.44
C LYS A 90 -27.97 11.60 13.96
N LYS A 91 -28.34 10.33 13.79
CA LYS A 91 -27.40 9.34 13.26
C LYS A 91 -26.88 9.75 11.89
N ILE A 92 -27.77 10.18 10.99
CA ILE A 92 -27.37 10.55 9.64
C ILE A 92 -26.41 11.75 9.66
N THR A 93 -26.74 12.77 10.44
CA THR A 93 -25.90 13.95 10.55
C THR A 93 -24.50 13.58 11.03
N ASN A 94 -24.43 12.76 12.08
CA ASN A 94 -23.13 12.34 12.62
C ASN A 94 -22.31 11.46 11.67
N LEU A 95 -22.94 10.49 11.01
CA LEU A 95 -22.22 9.69 10.00
C LEU A 95 -21.86 10.46 8.74
N SER A 96 -22.58 11.55 8.44
CA SER A 96 -22.23 12.36 7.28
C SER A 96 -20.84 13.00 7.41
N LYS A 97 -20.35 13.14 8.65
CA LYS A 97 -19.01 13.69 8.91
C LYS A 97 -17.88 12.65 8.89
N VAL A 98 -18.22 11.38 8.63
CA VAL A 98 -17.23 10.33 8.47
C VAL A 98 -17.15 9.95 6.99
N SER A 99 -15.93 9.98 6.46
CA SER A 99 -15.65 9.45 5.15
C SER A 99 -14.29 8.79 5.22
N HIS A 100 -14.22 7.64 5.88
CA HIS A 100 -12.93 6.96 6.04
C HIS A 100 -12.89 5.70 5.19
N LYS A 101 -11.72 5.44 4.61
CA LYS A 101 -11.51 4.24 3.81
C LYS A 101 -11.88 2.95 4.55
N ASN A 102 -11.71 2.94 5.87
CA ASN A 102 -11.96 1.75 6.69
C ASN A 102 -13.25 1.86 7.49
N PHE A 103 -14.17 2.70 7.02
CA PHE A 103 -15.51 2.77 7.56
C PHE A 103 -16.50 2.39 6.44
N MET A 104 -17.61 1.75 6.83
CA MET A 104 -18.71 1.47 5.91
C MET A 104 -19.54 2.75 5.78
N ASN A 105 -19.15 3.59 4.83
CA ASN A 105 -19.60 4.98 4.76
C ASN A 105 -21.07 5.09 4.34
N LEU A 106 -21.73 6.05 4.97
CA LEU A 106 -23.10 6.44 4.63
C LEU A 106 -23.13 7.18 3.29
N LEU A 107 -23.85 6.62 2.33
CA LEU A 107 -23.93 7.17 0.96
C LEU A 107 -25.23 7.90 0.65
N GLY A 108 -26.23 7.74 1.50
CA GLY A 108 -27.51 8.40 1.31
C GLY A 108 -28.54 7.96 2.33
N TYR A 109 -29.75 8.51 2.23
CA TYR A 109 -30.81 8.11 3.14
C TYR A 109 -32.14 8.26 2.41
N CYS A 110 -33.17 7.60 2.91
CA CYS A 110 -34.50 7.74 2.32
C CYS A 110 -35.56 7.69 3.41
N GLU A 111 -36.31 8.78 3.49
CA GLU A 111 -37.49 8.87 4.30
C GLU A 111 -38.64 9.04 3.32
N GLU A 112 -39.64 8.21 3.47
CA GLU A 112 -40.84 8.28 2.64
C GLU A 112 -41.96 7.83 3.53
N GLU A 113 -43.11 8.48 3.40
CA GLU A 113 -44.28 8.17 4.25
C GLU A 113 -45.18 7.13 3.63
N HIS A 114 -45.18 7.02 2.30
CA HIS A 114 -46.10 6.13 1.59
C HIS A 114 -45.40 5.22 0.57
N PRO A 115 -45.16 3.95 0.90
CA PRO A 115 -45.39 3.37 2.23
C PRO A 115 -44.29 3.77 3.21
N PHE A 116 -44.46 3.43 4.47
CA PHE A 116 -43.56 3.94 5.50
C PHE A 116 -42.15 3.40 5.29
N THR A 117 -41.19 4.32 5.20
CA THR A 117 -39.80 4.00 4.87
C THR A 117 -38.85 4.83 5.71
N ARG A 118 -37.94 4.16 6.42
CA ARG A 118 -36.85 4.87 7.08
C ARG A 118 -35.60 4.05 6.85
N VAL A 119 -34.81 4.46 5.86
CA VAL A 119 -33.59 3.71 5.53
C VAL A 119 -32.35 4.58 5.46
N MET A 120 -31.22 3.91 5.58
CA MET A 120 -29.91 4.50 5.43
C MET A 120 -29.16 3.63 4.44
N VAL A 121 -28.46 4.29 3.52
CA VAL A 121 -27.80 3.61 2.42
C VAL A 121 -26.28 3.63 2.66
N PHE A 122 -25.68 2.45 2.69
CA PHE A 122 -24.28 2.32 3.00
C PHE A 122 -23.50 1.67 1.88
N GLU A 123 -22.18 1.85 1.90
CA GLU A 123 -21.28 1.10 1.02
C GLU A 123 -21.50 -0.39 1.22
N TYR A 124 -21.41 -1.16 0.13
CA TYR A 124 -21.54 -2.63 0.18
C TYR A 124 -20.17 -3.27 0.31
N ALA A 125 -20.04 -4.23 1.20
CA ALA A 125 -18.79 -5.00 1.36
C ALA A 125 -19.02 -6.43 0.89
N PRO A 126 -18.36 -6.83 -0.21
CA PRO A 126 -18.72 -8.14 -0.79
C PRO A 126 -18.30 -9.38 0.00
N ASN A 127 -17.33 -9.26 0.89
CA ASN A 127 -16.79 -10.45 1.57
C ASN A 127 -17.29 -10.66 3.00
N GLY A 128 -18.43 -10.07 3.33
CA GLY A 128 -19.12 -10.39 4.57
C GLY A 128 -18.42 -9.86 5.80
N THR A 129 -18.67 -10.50 6.95
CA THR A 129 -18.14 -10.02 8.25
C THR A 129 -16.85 -10.72 8.65
N LEU A 130 -16.10 -10.06 9.52
CA LEU A 130 -14.89 -10.66 10.07
C LEU A 130 -15.23 -11.94 10.85
N PHE A 131 -16.30 -11.90 11.65
CA PHE A 131 -16.76 -13.05 12.41
C PHE A 131 -16.95 -14.29 11.52
N GLU A 132 -17.63 -14.09 10.40
CA GLU A 132 -17.87 -15.16 9.41
C GLU A 132 -16.58 -15.78 8.92
N HIS A 133 -15.63 -14.95 8.50
CA HIS A 133 -14.35 -15.44 7.98
C HIS A 133 -13.45 -16.07 9.02
N LEU A 134 -13.57 -15.67 10.28
CA LEU A 134 -12.79 -16.27 11.36
C LEU A 134 -13.38 -17.57 11.89
N HIS A 135 -14.70 -17.66 11.93
CA HIS A 135 -15.36 -18.72 12.70
C HIS A 135 -16.27 -19.67 11.90
N VAL A 136 -16.78 -19.25 10.74
CA VAL A 136 -17.69 -20.12 9.98
C VAL A 136 -16.90 -21.07 9.06
N ARG A 137 -17.08 -22.37 9.31
CA ARG A 137 -16.27 -23.44 8.71
C ARG A 137 -16.17 -23.39 7.19
N GLU A 138 -17.27 -23.00 6.53
CA GLU A 138 -17.30 -22.93 5.07
C GLU A 138 -16.72 -21.62 4.52
N ALA A 139 -16.41 -20.66 5.39
CA ALA A 139 -15.87 -19.37 4.96
C ALA A 139 -14.35 -19.42 4.70
N GLU A 140 -13.89 -18.58 3.77
CA GLU A 140 -12.48 -18.52 3.40
C GLU A 140 -11.65 -17.99 4.56
N LYS A 141 -10.58 -18.72 4.90
CA LYS A 141 -9.70 -18.35 5.99
C LYS A 141 -8.72 -17.27 5.56
N LEU A 142 -8.31 -16.46 6.54
CA LEU A 142 -7.49 -15.28 6.29
C LEU A 142 -6.05 -15.57 6.71
N ASP A 143 -5.07 -15.28 5.84
CA ASP A 143 -3.65 -15.49 6.19
C ASP A 143 -3.07 -14.37 7.06
N TRP A 144 -1.79 -14.47 7.43
CA TRP A 144 -1.17 -13.51 8.32
C TRP A 144 -1.29 -12.07 7.82
N MET A 145 -0.92 -11.82 6.56
CA MET A 145 -0.91 -10.45 6.04
C MET A 145 -2.33 -9.90 5.95
N ALA A 146 -3.27 -10.75 5.54
CA ALA A 146 -4.68 -10.35 5.53
C ALA A 146 -5.14 -9.93 6.92
N ARG A 147 -4.79 -10.72 7.93
CA ARG A 147 -5.17 -10.40 9.30
C ARG A 147 -4.53 -9.11 9.83
N LEU A 148 -3.27 -8.85 9.47
CA LEU A 148 -2.62 -7.62 9.87
C LEU A 148 -3.23 -6.41 9.17
N ARG A 149 -3.53 -6.54 7.89
CA ARG A 149 -4.23 -5.48 7.16
C ARG A 149 -5.57 -5.13 7.77
N ILE A 150 -6.33 -6.15 8.16
CA ILE A 150 -7.63 -5.94 8.79
C ILE A 150 -7.44 -5.27 10.14
N SER A 151 -6.52 -5.77 10.94
CA SER A 151 -6.22 -5.19 12.25
C SER A 151 -5.84 -3.70 12.17
N MET A 152 -5.00 -3.35 11.22
CA MET A 152 -4.54 -1.98 11.04
CA MET A 152 -4.53 -1.97 11.04
C MET A 152 -5.70 -1.10 10.57
N GLY A 153 -6.43 -1.57 9.56
CA GLY A 153 -7.61 -0.85 9.05
C GLY A 153 -8.59 -0.48 10.14
N ILE A 154 -8.91 -1.44 11.01
CA ILE A 154 -9.76 -1.19 12.17
C ILE A 154 -9.19 -0.09 13.05
N ALA A 155 -7.90 -0.20 13.40
CA ALA A 155 -7.27 0.79 14.26
C ALA A 155 -7.33 2.19 13.66
N TYR A 156 -7.04 2.32 12.37
CA TYR A 156 -7.07 3.63 11.70
C TYR A 156 -8.48 4.24 11.70
N CYS A 157 -9.49 3.41 11.50
CA CYS A 157 -10.89 3.86 11.58
C CYS A 157 -11.23 4.34 12.99
N LEU A 158 -10.93 3.52 13.98
CA LEU A 158 -11.24 3.87 15.37
C LEU A 158 -10.53 5.14 15.82
N GLU A 159 -9.28 5.31 15.39
CA GLU A 159 -8.49 6.52 15.69
C GLU A 159 -9.16 7.74 15.03
N HIS A 160 -9.60 7.58 13.79
CA HIS A 160 -10.25 8.67 13.08
C HIS A 160 -11.57 9.05 13.76
N MET A 161 -12.31 8.06 14.18
CA MET A 161 -13.55 8.21 14.87
C MET A 161 -13.35 9.03 16.14
N HIS A 162 -12.34 8.69 16.91
CA HIS A 162 -12.01 9.38 18.14
C HIS A 162 -11.51 10.80 17.88
N GLN A 163 -10.75 10.99 16.79
CA GLN A 163 -10.27 12.30 16.38
C GLN A 163 -11.44 13.24 16.09
N LEU A 164 -12.47 12.71 15.41
CA LEU A 164 -13.69 13.46 15.09
C LEU A 164 -14.58 13.67 16.33
N GLN A 165 -14.46 12.78 17.30
CA GLN A 165 -15.30 12.82 18.50
C GLN A 165 -16.71 12.37 18.15
N THR A 166 -16.80 11.13 17.68
CA THR A 166 -18.06 10.51 17.27
C THR A 166 -18.05 9.02 17.63
N PRO A 167 -17.91 8.70 18.93
CA PRO A 167 -17.80 7.30 19.38
C PRO A 167 -19.11 6.51 19.34
N ALA A 168 -20.26 7.20 19.34
CA ALA A 168 -21.57 6.54 19.29
C ALA A 168 -21.67 5.51 18.17
N ALA A 169 -20.96 5.78 17.08
CA ALA A 169 -20.89 4.86 15.93
C ALA A 169 -20.21 3.52 16.23
N LEU A 170 -19.50 3.43 17.35
CA LEU A 170 -18.76 2.23 17.70
C LEU A 170 -19.37 1.51 18.90
N ARG A 171 -20.60 1.88 19.26
CA ARG A 171 -21.24 1.33 20.46
C ARG A 171 -21.48 -0.17 20.38
N ASN A 172 -21.57 -0.72 19.16
CA ASN A 172 -21.77 -2.15 18.94
C ASN A 172 -20.53 -2.87 18.36
N PHE A 173 -19.38 -2.23 18.45
CA PHE A 173 -18.17 -2.73 17.79
C PHE A 173 -17.73 -4.13 18.24
N ASP A 174 -17.69 -5.06 17.27
CA ASP A 174 -17.10 -6.39 17.47
C ASP A 174 -16.87 -7.03 16.10
N SER A 175 -16.47 -8.30 16.06
CA SER A 175 -16.16 -8.90 14.77
C SER A 175 -17.40 -9.07 13.88
N THR A 176 -18.60 -9.06 14.46
CA THR A 176 -19.83 -9.09 13.64
C THR A 176 -20.15 -7.76 12.96
N THR A 177 -19.53 -6.68 13.39
CA THR A 177 -19.78 -5.37 12.79
C THR A 177 -18.64 -4.85 11.93
N VAL A 178 -17.60 -5.66 11.75
CA VAL A 178 -16.53 -5.36 10.82
C VAL A 178 -16.76 -6.15 9.55
N TYR A 179 -16.91 -5.44 8.44
CA TYR A 179 -17.09 -6.06 7.13
C TYR A 179 -15.79 -6.01 6.34
N LEU A 180 -15.73 -6.83 5.29
CA LEU A 180 -14.53 -7.01 4.49
C LEU A 180 -14.79 -6.68 3.02
N THR A 181 -13.93 -5.85 2.44
CA THR A 181 -14.02 -5.43 1.04
C THR A 181 -13.56 -6.54 0.11
N ASP A 182 -13.65 -6.30 -1.20
CA ASP A 182 -13.26 -7.29 -2.22
C ASP A 182 -11.82 -7.81 -2.13
N ASP A 183 -10.90 -7.01 -1.55
CA ASP A 183 -9.53 -7.50 -1.28
C ASP A 183 -9.24 -7.59 0.23
N PHE A 184 -10.31 -7.84 0.99
CA PHE A 184 -10.25 -8.12 2.42
C PHE A 184 -9.70 -6.99 3.28
N ALA A 185 -9.93 -5.74 2.87
CA ALA A 185 -9.69 -4.61 3.75
C ALA A 185 -10.85 -4.49 4.73
N ALA A 186 -10.58 -3.92 5.90
CA ALA A 186 -11.60 -3.74 6.92
C ALA A 186 -12.51 -2.55 6.62
N LYS A 187 -13.81 -2.74 6.85
CA LYS A 187 -14.77 -1.65 6.97
C LYS A 187 -15.59 -1.82 8.24
N VAL A 188 -15.28 -1.00 9.25
CA VAL A 188 -16.03 -0.98 10.48
C VAL A 188 -17.40 -0.36 10.16
N SER A 189 -18.46 -0.92 10.73
CA SER A 189 -19.82 -0.47 10.39
C SER A 189 -20.60 0.03 11.58
N ASP A 190 -21.64 0.80 11.27
CA ASP A 190 -22.64 1.18 12.25
C ASP A 190 -24.00 1.14 11.57
N LEU A 191 -24.59 -0.04 11.54
CA LEU A 191 -25.82 -0.31 10.79
C LEU A 191 -27.09 -0.20 11.64
N GLU A 192 -26.94 -0.33 12.95
CA GLU A 192 -28.07 -0.34 13.86
C GLU A 192 -28.61 1.06 14.02
N PHE A 193 -29.93 1.20 14.01
CA PHE A 193 -30.53 2.51 14.25
C PHE A 193 -30.27 2.89 15.70
N TRP A 194 -29.93 4.16 15.94
CA TRP A 194 -29.57 4.65 17.29
C TRP A 194 -30.78 4.71 18.22
N ASN A 195 -31.28 3.56 18.66
CA ASN A 195 -32.40 3.51 19.60
C ASN A 195 -32.51 2.15 20.28
N PRO A 212 -20.65 4.71 24.79
CA PRO A 212 -19.50 3.95 25.29
C PRO A 212 -18.29 4.84 25.39
N ASP A 213 -17.58 4.81 26.50
CA ASP A 213 -16.37 5.61 26.60
C ASP A 213 -15.33 5.09 25.62
N MET A 214 -14.38 5.95 25.26
CA MET A 214 -13.27 5.54 24.40
C MET A 214 -12.39 4.48 25.07
N GLU A 215 -12.32 4.51 26.40
CA GLU A 215 -11.63 3.47 27.16
C GLU A 215 -12.27 2.10 26.92
N ASP A 216 -13.59 2.07 26.77
CA ASP A 216 -14.29 0.83 26.48
C ASP A 216 -14.05 0.37 25.04
N ILE A 217 -13.98 1.31 24.09
CA ILE A 217 -13.68 0.99 22.69
C ILE A 217 -12.28 0.41 22.55
N VAL A 218 -11.31 1.02 23.25
CA VAL A 218 -9.95 0.49 23.29
C VAL A 218 -9.93 -0.97 23.78
N ARG A 219 -10.68 -1.27 24.84
CA ARG A 219 -10.79 -2.65 25.35
C ARG A 219 -11.39 -3.58 24.31
N LYS A 220 -12.46 -3.13 23.68
CA LYS A 220 -13.08 -3.89 22.60
C LYS A 220 -12.13 -4.14 21.44
N TYR A 221 -11.33 -3.13 21.07
CA TYR A 221 -10.31 -3.31 20.03
C TYR A 221 -9.33 -4.42 20.41
N GLY A 222 -8.86 -4.39 21.65
CA GLY A 222 -7.96 -5.43 22.16
C GLY A 222 -8.56 -6.82 22.04
N MET A 223 -9.85 -6.95 22.35
CA MET A 223 -10.55 -8.23 22.28
C MET A 223 -10.67 -8.72 20.83
N VAL A 224 -10.94 -7.79 19.91
CA VAL A 224 -11.07 -8.13 18.50
C VAL A 224 -9.69 -8.51 17.92
N LEU A 225 -8.65 -7.77 18.30
CA LEU A 225 -7.30 -8.12 17.90
C LEU A 225 -6.93 -9.53 18.41
N LEU A 226 -7.26 -9.81 19.68
CA LEU A 226 -7.04 -11.14 20.24
C LEU A 226 -7.79 -12.24 19.45
N GLU A 227 -9.01 -11.91 19.04
CA GLU A 227 -9.83 -12.82 18.24
C GLU A 227 -9.23 -13.06 16.87
N ILE A 228 -8.71 -12.01 16.26
CA ILE A 228 -8.06 -12.12 14.95
C ILE A 228 -6.80 -13.00 15.07
N LEU A 229 -6.05 -12.82 16.16
CA LEU A 229 -4.83 -13.58 16.36
C LEU A 229 -5.02 -15.06 16.73
N THR A 230 -6.05 -15.35 17.51
CA THR A 230 -6.24 -16.70 18.08
C THR A 230 -7.35 -17.49 17.39
N GLY A 231 -8.26 -16.79 16.72
CA GLY A 231 -9.48 -17.39 16.21
C GLY A 231 -10.50 -17.78 17.26
N ARG A 232 -10.34 -17.29 18.50
CA ARG A 232 -11.23 -17.64 19.62
C ARG A 232 -12.03 -16.42 20.14
N VAL A 233 -13.27 -16.69 20.58
CA VAL A 233 -14.16 -15.64 21.06
C VAL A 233 -14.94 -16.14 22.29
N PRO A 234 -15.30 -15.27 23.22
CA PRO A 234 -16.04 -15.72 24.41
C PRO A 234 -17.39 -16.29 24.04
N SER A 235 -17.74 -17.43 24.61
CA SER A 235 -18.97 -18.11 24.28
C SER A 235 -20.17 -17.66 25.11
N SER A 236 -19.92 -16.75 26.03
CA SER A 236 -20.91 -16.13 26.91
C SER A 236 -20.33 -14.90 27.58
N GLU A 237 -21.07 -14.33 28.51
CA GLU A 237 -20.56 -13.19 29.25
C GLU A 237 -19.65 -13.65 30.39
N ASP A 238 -19.70 -14.93 30.72
CA ASP A 238 -18.89 -15.50 31.79
C ASP A 238 -18.05 -16.67 31.27
N ASP A 239 -17.17 -16.42 30.31
CA ASP A 239 -16.32 -17.49 29.74
C ASP A 239 -15.04 -17.64 30.55
N GLY A 240 -15.13 -18.30 31.69
CA GLY A 240 -14.02 -18.56 32.60
C GLY A 240 -12.90 -19.39 31.99
N PRO A 241 -13.25 -20.50 31.31
CA PRO A 241 -12.24 -21.33 30.63
C PRO A 241 -11.38 -20.53 29.64
N LEU A 242 -12.00 -19.66 28.85
CA LEU A 242 -11.26 -18.80 27.91
C LEU A 242 -10.40 -17.78 28.66
N GLU A 243 -10.94 -17.24 29.75
CA GLU A 243 -10.20 -16.29 30.58
C GLU A 243 -8.93 -16.93 31.17
N ASN A 244 -9.05 -18.16 31.64
CA ASN A 244 -7.89 -18.86 32.24
C ASN A 244 -6.85 -19.22 31.18
N TRP A 245 -7.32 -19.44 29.97
CA TRP A 245 -6.46 -19.84 28.85
C TRP A 245 -5.65 -18.64 28.37
N VAL A 246 -6.34 -17.53 28.14
CA VAL A 246 -5.69 -16.25 27.86
C VAL A 246 -4.74 -15.86 29.00
N SER A 247 -5.22 -15.96 30.24
CA SER A 247 -4.39 -15.67 31.41
C SER A 247 -3.10 -16.48 31.41
N ARG A 248 -3.19 -17.76 31.04
CA ARG A 248 -2.01 -18.61 31.00
C ARG A 248 -0.99 -18.04 30.04
N TYR A 249 -1.43 -17.53 28.88
CA TYR A 249 -0.49 -16.90 27.95
C TYR A 249 0.21 -15.67 28.57
N PHE A 250 -0.58 -14.73 29.08
CA PHE A 250 0.01 -13.50 29.60
C PHE A 250 0.89 -13.70 30.85
N GLU A 251 0.69 -14.82 31.55
CA GLU A 251 1.51 -15.13 32.72
C GLU A 251 2.76 -15.94 32.37
N GLY A 252 2.95 -16.20 31.08
CA GLY A 252 4.17 -16.83 30.59
C GLY A 252 4.13 -18.35 30.50
N GLY A 253 2.94 -18.96 30.56
CA GLY A 253 2.80 -20.40 30.51
C GLY A 253 2.31 -21.00 29.20
N MET A 254 2.46 -20.27 28.11
CA MET A 254 2.00 -20.75 26.80
C MET A 254 2.91 -20.35 25.65
N ARG A 255 3.26 -21.32 24.82
CA ARG A 255 4.02 -21.08 23.60
C ARG A 255 3.13 -20.35 22.58
N LEU A 256 3.72 -19.52 21.73
CA LEU A 256 2.95 -18.84 20.68
C LEU A 256 2.25 -19.81 19.72
N GLU A 257 2.83 -20.99 19.50
CA GLU A 257 2.18 -22.00 18.64
C GLU A 257 0.85 -22.51 19.20
N GLU A 258 0.68 -22.43 20.52
CA GLU A 258 -0.58 -22.81 21.15
C GLU A 258 -1.59 -21.65 21.08
N LEU A 259 -1.10 -20.42 21.13
CA LEU A 259 -1.97 -19.25 21.16
C LEU A 259 -2.52 -18.89 19.77
N ILE A 260 -1.64 -18.86 18.79
CA ILE A 260 -1.97 -18.29 17.47
C ILE A 260 -2.83 -19.27 16.66
N ASP A 261 -3.85 -18.74 15.99
CA ASP A 261 -4.77 -19.53 15.17
C ASP A 261 -4.01 -20.42 14.18
N PRO A 262 -4.19 -21.75 14.25
CA PRO A 262 -3.55 -22.62 13.25
C PRO A 262 -3.96 -22.33 11.79
N SER A 263 -5.17 -21.85 11.57
CA SER A 263 -5.65 -21.56 10.21
C SER A 263 -4.93 -20.39 9.51
N ILE A 264 -4.17 -19.61 10.28
CA ILE A 264 -3.32 -18.54 9.71
C ILE A 264 -2.25 -19.09 8.77
N GLY A 265 -1.74 -20.27 9.10
CA GLY A 265 -0.55 -20.80 8.48
C GLY A 265 0.68 -20.20 9.13
N PHE A 266 1.71 -19.91 8.33
CA PHE A 266 2.97 -19.41 8.90
C PHE A 266 2.80 -18.01 9.43
N PHE A 267 3.52 -17.69 10.50
CA PHE A 267 3.54 -16.34 11.05
C PHE A 267 4.92 -15.98 11.66
N PRO A 268 5.26 -14.69 11.69
CA PRO A 268 6.50 -14.22 12.30
C PRO A 268 6.33 -14.09 13.81
N GLU A 269 7.19 -14.81 14.52
CA GLU A 269 7.03 -15.01 15.94
C GLU A 269 7.08 -13.70 16.75
N ASP A 270 8.03 -12.86 16.43
CA ASP A 270 8.22 -11.65 17.22
C ASP A 270 7.17 -10.58 16.94
N THR A 271 6.66 -10.55 15.72
CA THR A 271 5.53 -9.69 15.40
C THR A 271 4.28 -10.11 16.15
N ALA A 272 4.05 -11.42 16.22
CA ALA A 272 2.95 -11.94 17.01
C ALA A 272 3.08 -11.54 18.48
N ARG A 273 4.29 -11.69 19.05
CA ARG A 273 4.51 -11.25 20.44
C ARG A 273 4.15 -9.80 20.66
N ALA A 274 4.65 -8.94 19.79
CA ALA A 274 4.42 -7.52 19.93
C ALA A 274 2.91 -7.22 19.84
N LEU A 275 2.19 -7.88 18.94
CA LEU A 275 0.74 -7.66 18.83
C LEU A 275 0.00 -8.12 20.08
N CYS A 276 0.45 -9.22 20.67
CA CYS A 276 -0.14 -9.70 21.93
C CYS A 276 0.11 -8.73 23.10
N GLU A 277 1.21 -7.99 23.08
CA GLU A 277 1.44 -6.92 24.08
C GLU A 277 0.44 -5.79 23.91
N VAL A 278 0.15 -5.41 22.67
CA VAL A 278 -0.92 -4.43 22.39
C VAL A 278 -2.24 -4.92 22.97
N VAL A 279 -2.60 -6.17 22.71
CA VAL A 279 -3.81 -6.74 23.29
C VAL A 279 -3.80 -6.54 24.81
N ARG A 280 -2.71 -6.95 25.46
CA ARG A 280 -2.67 -6.91 26.93
C ARG A 280 -2.91 -5.50 27.48
N SER A 281 -2.31 -4.49 26.84
CA SER A 281 -2.49 -3.10 27.26
C SER A 281 -3.95 -2.66 27.13
N CYS A 282 -4.54 -2.97 25.98
CA CYS A 282 -5.92 -2.60 25.70
C CYS A 282 -6.95 -3.24 26.63
N ILE A 283 -6.74 -4.50 27.04
CA ILE A 283 -7.78 -5.21 27.76
C ILE A 283 -7.60 -5.17 29.29
N ASP A 284 -6.69 -4.33 29.77
CA ASP A 284 -6.47 -4.16 31.22
C ASP A 284 -7.79 -3.82 31.90
N ARG A 285 -8.07 -4.49 33.01
CA ARG A 285 -9.33 -4.32 33.73
C ARG A 285 -9.53 -2.92 34.29
N ASP A 286 -8.43 -2.20 34.50
CA ASP A 286 -8.47 -0.82 34.97
C ASP A 286 -8.44 0.12 33.76
N PRO A 287 -9.58 0.78 33.44
CA PRO A 287 -9.64 1.63 32.26
C PRO A 287 -8.60 2.75 32.20
N LYS A 288 -8.14 3.24 33.35
CA LYS A 288 -7.12 4.29 33.40
C LYS A 288 -5.76 3.81 32.88
N LYS A 289 -5.50 2.51 33.02
CA LYS A 289 -4.23 1.93 32.56
C LYS A 289 -4.19 1.65 31.05
N ARG A 290 -5.32 1.73 30.35
CA ARG A 290 -5.34 1.44 28.90
C ARG A 290 -4.79 2.59 28.10
N PRO A 291 -4.19 2.29 26.94
CA PRO A 291 -3.74 3.35 26.06
C PRO A 291 -4.90 4.04 25.32
N GLN A 292 -4.61 5.22 24.78
CA GLN A 292 -5.53 5.96 23.93
C GLN A 292 -5.50 5.34 22.54
N MET A 293 -6.58 5.48 21.79
CA MET A 293 -6.65 4.85 20.48
C MET A 293 -5.57 5.37 19.51
N LYS A 294 -5.24 6.65 19.63
CA LYS A 294 -4.16 7.24 18.84
C LYS A 294 -2.83 6.52 19.11
N GLU A 295 -2.58 6.18 20.37
CA GLU A 295 -1.35 5.45 20.73
C GLU A 295 -1.39 4.02 20.19
N VAL A 296 -2.54 3.39 20.27
CA VAL A 296 -2.72 2.03 19.75
C VAL A 296 -2.42 2.02 18.25
N ALA A 297 -3.00 2.94 17.51
CA ALA A 297 -2.77 3.00 16.06
C ALA A 297 -1.30 3.23 15.71
N ALA A 298 -0.64 4.11 16.46
CA ALA A 298 0.77 4.41 16.24
C ALA A 298 1.63 3.16 16.49
N ARG A 299 1.34 2.47 17.59
CA ARG A 299 2.06 1.25 17.94
C ARG A 299 1.79 0.16 16.89
N MET A 300 0.52 0.01 16.50
CA MET A 300 0.16 -0.96 15.47
C MET A 300 0.88 -0.69 14.14
N ARG A 301 0.99 0.57 13.73
CA ARG A 301 1.73 0.90 12.50
C ARG A 301 3.22 0.57 12.62
N GLU A 302 3.79 0.85 13.78
CA GLU A 302 5.18 0.50 14.08
C GLU A 302 5.39 -1.01 13.88
N ILE A 303 4.46 -1.81 14.42
CA ILE A 303 4.58 -3.27 14.35
C ILE A 303 4.34 -3.86 12.95
N THR A 304 3.26 -3.44 12.30
CA THR A 304 2.86 -4.01 11.01
C THR A 304 3.59 -3.38 9.83
N ALA A 305 4.07 -2.15 10.00
CA ALA A 305 4.61 -1.33 8.93
C ALA A 305 3.60 -1.10 7.78
N LEU A 306 2.32 -1.05 8.11
CA LEU A 306 1.27 -0.89 7.12
C LEU A 306 0.68 0.49 7.26
N GLY A 307 0.85 1.30 6.23
CA GLY A 307 0.30 2.65 6.23
C GLY A 307 -1.19 2.64 5.91
N PRO A 308 -1.85 3.79 6.08
CA PRO A 308 -3.26 3.92 5.78
C PRO A 308 -3.57 3.75 4.30
N PHE B 25 20.86 21.28 -30.99
CA PHE B 25 20.56 19.85 -31.35
C PHE B 25 19.44 19.18 -30.54
N VAL B 26 19.11 19.69 -29.34
CA VAL B 26 18.02 19.11 -28.54
C VAL B 26 17.10 20.15 -27.96
N THR B 27 15.82 19.81 -27.92
CA THR B 27 14.79 20.62 -27.27
C THR B 27 14.37 19.99 -25.94
N GLY B 28 14.62 18.69 -25.77
CA GLY B 28 14.15 17.94 -24.61
C GLY B 28 14.63 18.44 -23.26
N VAL B 29 15.92 18.76 -23.15
CA VAL B 29 16.49 19.20 -21.87
C VAL B 29 17.38 20.44 -22.01
N PRO B 30 17.46 21.25 -20.94
CA PRO B 30 18.26 22.48 -21.00
C PRO B 30 19.79 22.28 -21.05
N SER B 31 20.44 23.18 -21.77
CA SER B 31 21.88 23.32 -21.77
C SER B 31 22.24 24.24 -20.60
N LEU B 32 23.05 23.75 -19.66
CA LEU B 32 23.50 24.57 -18.55
C LEU B 32 24.83 25.23 -18.89
N LYS B 33 25.02 26.44 -18.38
CA LYS B 33 26.31 27.07 -18.45
C LYS B 33 27.23 26.41 -17.43
N ARG B 34 28.51 26.31 -17.78
CA ARG B 34 29.53 25.86 -16.84
C ARG B 34 29.38 26.55 -15.48
N SER B 35 29.18 27.87 -15.48
CA SER B 35 29.07 28.62 -14.22
C SER B 35 27.86 28.18 -13.39
N GLU B 36 26.73 27.92 -14.04
CA GLU B 36 25.54 27.38 -13.35
C GLU B 36 25.88 26.04 -12.71
N LEU B 37 26.59 25.22 -13.47
CA LEU B 37 27.00 23.92 -12.99
C LEU B 37 27.93 24.06 -11.79
N GLU B 38 28.94 24.92 -11.91
CA GLU B 38 29.85 25.21 -10.79
C GLU B 38 29.09 25.61 -9.53
N THR B 39 28.12 26.50 -9.69
CA THR B 39 27.29 26.93 -8.57
C THR B 39 26.50 25.74 -8.02
N ALA B 40 25.83 24.98 -8.89
CA ALA B 40 25.01 23.85 -8.45
C ALA B 40 25.79 22.79 -7.65
N CYS B 41 27.03 22.50 -8.09
N CYS B 41 27.01 22.46 -8.06
CA CYS B 41 27.84 21.42 -7.51
CA CYS B 41 27.76 21.39 -7.41
C CYS B 41 28.93 21.91 -6.58
C CYS B 41 28.94 21.91 -6.60
N GLU B 42 28.84 23.16 -6.14
CA GLU B 42 29.88 23.77 -5.30
C GLU B 42 31.29 23.52 -5.84
N ASP B 43 31.46 23.95 -7.09
CA ASP B 43 32.70 23.75 -7.84
C ASP B 43 33.25 22.32 -7.78
N PHE B 44 32.35 21.34 -7.93
CA PHE B 44 32.72 19.92 -8.02
C PHE B 44 33.43 19.37 -6.79
N SER B 45 33.04 19.85 -5.62
CA SER B 45 33.72 19.50 -4.37
C SER B 45 33.17 18.25 -3.67
N ASN B 46 31.99 17.78 -4.09
N ASN B 46 32.01 17.76 -4.12
CA ASN B 46 31.35 16.62 -3.47
CA ASN B 46 31.34 16.62 -3.47
C ASN B 46 31.22 15.45 -4.45
C ASN B 46 31.21 15.44 -4.43
N ILE B 47 32.20 14.56 -4.42
CA ILE B 47 32.22 13.39 -5.28
C ILE B 47 31.30 12.29 -4.70
N ILE B 48 30.43 11.75 -5.54
CA ILE B 48 29.57 10.61 -5.20
C ILE B 48 30.25 9.29 -5.55
N GLY B 49 30.83 9.22 -6.74
CA GLY B 49 31.48 8.00 -7.23
C GLY B 49 32.49 8.32 -8.33
N SER B 50 33.39 7.36 -8.60
CA SER B 50 34.46 7.58 -9.57
C SER B 50 35.05 6.28 -10.08
N THR B 51 35.10 6.14 -11.41
CA THR B 51 35.82 5.07 -12.08
C THR B 51 36.65 5.67 -13.20
N SER B 52 37.45 4.85 -13.86
CA SER B 52 38.23 5.31 -15.01
C SER B 52 37.35 5.82 -16.17
N THR B 53 36.07 5.42 -16.18
CA THR B 53 35.14 5.80 -17.25
C THR B 53 34.19 6.97 -16.91
N CYS B 54 33.99 7.29 -15.64
CA CYS B 54 32.99 8.30 -15.25
C CYS B 54 33.21 8.86 -13.84
N MET B 55 33.14 10.19 -13.70
CA MET B 55 33.16 10.85 -12.38
C MET B 55 31.76 11.34 -12.06
N LEU B 56 31.32 11.14 -10.82
CA LEU B 56 29.96 11.52 -10.40
C LEU B 56 30.00 12.54 -9.27
N TYR B 57 29.33 13.68 -9.46
CA TYR B 57 29.31 14.76 -8.48
C TYR B 57 27.90 15.06 -7.99
N LYS B 58 27.77 15.40 -6.71
CA LYS B 58 26.50 15.83 -6.12
C LYS B 58 26.31 17.33 -6.28
N GLY B 59 25.09 17.76 -6.56
CA GLY B 59 24.76 19.18 -6.57
C GLY B 59 23.28 19.44 -6.35
N THR B 60 22.91 20.72 -6.40
CA THR B 60 21.52 21.14 -6.32
C THR B 60 21.28 22.31 -7.27
N LEU B 61 20.26 22.19 -8.11
CA LEU B 61 19.87 23.25 -9.02
C LEU B 61 19.29 24.42 -8.22
N SER B 62 19.16 25.58 -8.86
CA SER B 62 18.61 26.75 -8.18
C SER B 62 17.16 26.54 -7.75
N SER B 63 16.45 25.67 -8.47
CA SER B 63 15.07 25.29 -8.11
C SER B 63 14.99 24.44 -6.84
N GLY B 64 16.13 23.99 -6.33
CA GLY B 64 16.18 23.09 -5.17
C GLY B 64 16.23 21.62 -5.57
N VAL B 65 16.10 21.32 -6.86
CA VAL B 65 16.17 19.94 -7.34
C VAL B 65 17.61 19.44 -7.19
N GLU B 66 17.79 18.32 -6.47
CA GLU B 66 19.12 17.74 -6.26
C GLU B 66 19.55 16.89 -7.47
N ILE B 67 20.83 16.93 -7.79
CA ILE B 67 21.33 16.33 -9.03
C ILE B 67 22.58 15.47 -8.83
N ALA B 68 22.75 14.52 -9.73
CA ALA B 68 23.97 13.78 -9.88
C ALA B 68 24.56 14.12 -11.24
N VAL B 69 25.77 14.65 -11.23
CA VAL B 69 26.41 15.11 -12.45
C VAL B 69 27.48 14.12 -12.89
N ALA B 70 27.27 13.52 -14.06
CA ALA B 70 28.22 12.57 -14.64
C ALA B 70 29.18 13.31 -15.56
N SER B 71 30.47 13.10 -15.35
CA SER B 71 31.49 13.90 -16.05
C SER B 71 32.54 13.02 -16.69
N SER B 72 32.89 13.35 -17.93
CA SER B 72 33.98 12.68 -18.62
C SER B 72 35.28 12.92 -17.84
N LEU B 73 36.22 11.99 -17.96
CA LEU B 73 37.57 12.18 -17.38
C LEU B 73 38.53 12.89 -18.34
N VAL B 74 38.07 13.14 -19.56
CA VAL B 74 38.89 13.81 -20.56
C VAL B 74 39.27 15.23 -20.09
N THR B 75 40.56 15.56 -20.20
CA THR B 75 41.13 16.79 -19.65
C THR B 75 41.46 17.84 -20.71
N SER B 76 41.16 17.52 -21.97
CA SER B 76 41.61 18.33 -23.08
C SER B 76 40.80 18.01 -24.32
N ALA B 77 40.42 19.05 -25.05
CA ALA B 77 39.71 18.88 -26.32
C ALA B 77 40.50 18.01 -27.31
N LYS B 78 41.82 17.95 -27.15
CA LYS B 78 42.66 17.08 -27.99
C LYS B 78 42.33 15.59 -27.88
N ASP B 79 41.77 15.17 -26.75
CA ASP B 79 41.50 13.77 -26.50
C ASP B 79 40.00 13.43 -26.61
N TRP B 80 39.21 14.38 -27.11
CA TRP B 80 37.78 14.20 -27.33
C TRP B 80 37.56 14.10 -28.83
N SER B 81 37.21 12.90 -29.30
CA SER B 81 37.04 12.63 -30.72
C SER B 81 35.66 13.05 -31.22
N LYS B 82 35.53 13.12 -32.54
CA LYS B 82 34.23 13.36 -33.16
C LYS B 82 33.25 12.26 -32.82
N GLU B 83 33.74 11.03 -32.63
CA GLU B 83 32.87 9.92 -32.22
C GLU B 83 32.36 10.13 -30.79
N ASN B 84 33.25 10.54 -29.88
CA ASN B 84 32.82 10.89 -28.53
C ASN B 84 31.71 11.91 -28.56
N GLU B 85 31.89 12.97 -29.34
CA GLU B 85 30.89 14.04 -29.42
C GLU B 85 29.56 13.54 -29.98
N SER B 86 29.64 12.71 -31.01
CA SER B 86 28.47 12.13 -31.63
C SER B 86 27.67 11.31 -30.60
N GLN B 87 28.38 10.47 -29.86
CA GLN B 87 27.78 9.59 -28.86
C GLN B 87 27.23 10.35 -27.65
N TYR B 88 27.94 11.42 -27.27
CA TYR B 88 27.47 12.34 -26.25
C TYR B 88 26.12 12.96 -26.65
N ARG B 89 26.04 13.48 -27.87
CA ARG B 89 24.79 14.07 -28.36
C ARG B 89 23.67 13.04 -28.56
N LYS B 90 24.02 11.86 -29.05
CA LYS B 90 23.07 10.76 -29.23
C LYS B 90 22.44 10.33 -27.91
N LYS B 91 23.29 10.13 -26.89
CA LYS B 91 22.78 9.75 -25.56
C LYS B 91 21.80 10.79 -25.05
N ILE B 92 22.15 12.06 -25.18
CA ILE B 92 21.31 13.15 -24.70
C ILE B 92 19.98 13.20 -25.44
N THR B 93 20.03 13.08 -26.76
CA THR B 93 18.82 13.10 -27.56
C THR B 93 17.90 11.94 -27.17
N ASN B 94 18.46 10.76 -27.02
CA ASN B 94 17.64 9.58 -26.74
C ASN B 94 17.02 9.61 -25.33
N LEU B 95 17.78 10.04 -24.34
CA LEU B 95 17.26 10.12 -22.97
C LEU B 95 16.34 11.30 -22.75
N SER B 96 16.48 12.35 -23.58
CA SER B 96 15.59 13.51 -23.47
C SER B 96 14.11 13.15 -23.78
N LYS B 97 13.90 12.02 -24.46
CA LYS B 97 12.55 11.54 -24.77
C LYS B 97 11.93 10.73 -23.62
N VAL B 98 12.74 10.38 -22.62
CA VAL B 98 12.29 9.57 -21.49
C VAL B 98 12.06 10.43 -20.26
N SER B 99 10.87 10.31 -19.70
CA SER B 99 10.58 10.85 -18.38
C SER B 99 9.77 9.77 -17.67
N HIS B 100 10.44 8.97 -16.84
CA HIS B 100 9.75 7.93 -16.06
C HIS B 100 10.13 7.99 -14.60
N LYS B 101 9.14 7.82 -13.72
CA LYS B 101 9.31 7.81 -12.28
C LYS B 101 10.39 6.82 -11.81
N ASN B 102 10.51 5.69 -12.50
CA ASN B 102 11.48 4.66 -12.13
C ASN B 102 12.77 4.66 -12.96
N PHE B 103 13.05 5.77 -13.63
CA PHE B 103 14.32 5.99 -14.29
C PHE B 103 15.02 7.18 -13.63
N MET B 104 16.35 7.16 -13.62
CA MET B 104 17.17 8.28 -13.17
C MET B 104 17.28 9.26 -14.33
N ASN B 105 16.29 10.17 -14.40
CA ASN B 105 16.05 10.95 -15.61
C ASN B 105 17.13 11.99 -15.88
N LEU B 106 17.41 12.21 -17.16
CA LEU B 106 18.28 13.29 -17.61
C LEU B 106 17.57 14.63 -17.42
N LEU B 107 18.23 15.56 -16.75
CA LEU B 107 17.64 16.88 -16.49
C LEU B 107 18.35 17.99 -17.24
N GLY B 108 19.48 17.68 -17.87
CA GLY B 108 20.28 18.73 -18.51
C GLY B 108 21.66 18.27 -18.90
N TYR B 109 22.41 19.15 -19.56
CA TYR B 109 23.76 18.80 -19.95
C TYR B 109 24.60 20.07 -19.97
N CYS B 110 25.91 19.90 -19.92
CA CYS B 110 26.85 21.03 -20.05
C CYS B 110 28.04 20.65 -20.89
N GLU B 111 28.19 21.42 -21.96
CA GLU B 111 29.27 21.28 -22.89
C GLU B 111 29.99 22.63 -22.86
N GLU B 112 31.29 22.60 -22.64
CA GLU B 112 32.08 23.85 -22.55
C GLU B 112 33.50 23.51 -22.94
N GLU B 113 34.19 24.44 -23.61
CA GLU B 113 35.55 24.17 -24.07
C GLU B 113 36.62 24.67 -23.11
N HIS B 114 36.32 25.69 -22.31
CA HIS B 114 37.29 26.34 -21.43
C HIS B 114 36.76 26.49 -20.01
N PRO B 115 37.17 25.64 -19.06
CA PRO B 115 37.97 24.44 -19.28
C PRO B 115 37.10 23.31 -19.85
N PHE B 116 37.74 22.26 -20.32
CA PHE B 116 37.05 21.24 -21.09
C PHE B 116 36.01 20.55 -20.20
N THR B 117 34.77 20.55 -20.67
CA THR B 117 33.63 20.05 -19.89
C THR B 117 32.69 19.24 -20.77
N ARG B 118 32.43 18.00 -20.37
CA ARG B 118 31.41 17.17 -21.00
C ARG B 118 30.68 16.45 -19.91
N VAL B 119 29.53 16.98 -19.51
CA VAL B 119 28.76 16.40 -18.43
C VAL B 119 27.28 16.27 -18.77
N MET B 120 26.65 15.34 -18.07
CA MET B 120 25.22 15.18 -18.10
C MET B 120 24.69 15.24 -16.68
N VAL B 121 23.52 15.84 -16.53
CA VAL B 121 22.92 16.12 -15.25
C VAL B 121 21.70 15.22 -15.07
N PHE B 122 21.73 14.44 -14.00
CA PHE B 122 20.64 13.50 -13.70
C PHE B 122 20.00 13.79 -12.35
N GLU B 123 18.82 13.23 -12.16
CA GLU B 123 18.16 13.17 -10.86
C GLU B 123 19.06 12.52 -9.83
N TYR B 124 19.04 13.04 -8.61
CA TYR B 124 19.82 12.50 -7.50
C TYR B 124 18.96 11.50 -6.74
N ALA B 125 19.51 10.33 -6.45
CA ALA B 125 18.88 9.32 -5.57
C ALA B 125 19.68 9.26 -4.28
N PRO B 126 19.07 9.63 -3.15
CA PRO B 126 19.86 9.74 -1.91
C PRO B 126 20.22 8.45 -1.18
N ASN B 127 19.60 7.32 -1.52
CA ASN B 127 19.78 6.10 -0.71
C ASN B 127 20.69 5.05 -1.37
N GLY B 128 21.56 5.49 -2.27
CA GLY B 128 22.60 4.63 -2.81
C GLY B 128 22.01 3.56 -3.73
N THR B 129 22.74 2.46 -3.87
CA THR B 129 22.38 1.41 -4.83
C THR B 129 21.67 0.22 -4.19
N LEU B 130 20.92 -0.49 -5.02
CA LEU B 130 20.32 -1.74 -4.61
C LEU B 130 21.38 -2.73 -4.11
N PHE B 131 22.47 -2.85 -4.85
CA PHE B 131 23.58 -3.73 -4.49
C PHE B 131 24.02 -3.48 -3.04
N GLU B 132 24.26 -2.21 -2.72
CA GLU B 132 24.71 -1.83 -1.37
C GLU B 132 23.76 -2.30 -0.28
N HIS B 133 22.46 -2.05 -0.47
CA HIS B 133 21.47 -2.40 0.54
C HIS B 133 21.24 -3.92 0.68
N LEU B 134 21.49 -4.66 -0.40
CA LEU B 134 21.38 -6.12 -0.36
C LEU B 134 22.61 -6.82 0.22
N HIS B 135 23.79 -6.26 0.02
CA HIS B 135 25.04 -7.01 0.24
C HIS B 135 26.04 -6.45 1.26
N VAL B 136 25.97 -5.15 1.55
CA VAL B 136 26.91 -4.51 2.46
C VAL B 136 26.33 -4.51 3.87
N ARG B 137 27.01 -5.19 4.79
CA ARG B 137 26.57 -5.30 6.19
C ARG B 137 26.16 -3.95 6.81
N GLU B 138 26.95 -2.91 6.52
CA GLU B 138 26.72 -1.57 7.10
C GLU B 138 25.41 -0.91 6.66
N ALA B 139 24.95 -1.19 5.45
CA ALA B 139 23.79 -0.51 4.87
C ALA B 139 22.47 -0.99 5.46
N GLU B 140 21.46 -0.13 5.39
CA GLU B 140 20.12 -0.44 5.86
C GLU B 140 19.50 -1.56 5.02
N LYS B 141 18.97 -2.56 5.72
CA LYS B 141 18.33 -3.72 5.08
C LYS B 141 16.96 -3.38 4.53
N LEU B 142 16.59 -4.04 3.43
CA LEU B 142 15.31 -3.83 2.78
C LEU B 142 14.34 -4.89 3.27
N ASP B 143 13.18 -4.48 3.76
CA ASP B 143 12.14 -5.43 4.17
C ASP B 143 11.40 -5.98 2.95
N TRP B 144 10.52 -6.96 3.19
CA TRP B 144 9.77 -7.61 2.13
C TRP B 144 9.05 -6.63 1.22
N MET B 145 8.29 -5.71 1.81
N MET B 145 8.29 -5.72 1.83
CA MET B 145 7.50 -4.77 1.01
CA MET B 145 7.50 -4.73 1.11
C MET B 145 8.37 -3.80 0.22
C MET B 145 8.39 -3.84 0.23
N ALA B 146 9.49 -3.37 0.79
CA ALA B 146 10.43 -2.51 0.04
C ALA B 146 11.02 -3.27 -1.16
N ARG B 147 11.36 -4.53 -0.94
CA ARG B 147 11.89 -5.38 -2.00
C ARG B 147 10.90 -5.58 -3.13
N LEU B 148 9.63 -5.83 -2.81
CA LEU B 148 8.59 -5.91 -3.83
C LEU B 148 8.40 -4.59 -4.59
N ARG B 149 8.39 -3.48 -3.87
CA ARG B 149 8.24 -2.17 -4.47
C ARG B 149 9.37 -1.83 -5.45
N ILE B 150 10.60 -2.12 -5.04
CA ILE B 150 11.79 -1.98 -5.89
C ILE B 150 11.69 -2.91 -7.13
N SER B 151 11.37 -4.18 -6.93
CA SER B 151 11.19 -5.11 -8.05
C SER B 151 10.15 -4.60 -9.07
N MET B 152 9.04 -4.08 -8.57
CA MET B 152 7.96 -3.61 -9.43
C MET B 152 8.39 -2.38 -10.22
N GLY B 153 8.99 -1.41 -9.54
CA GLY B 153 9.45 -0.20 -10.22
C GLY B 153 10.48 -0.46 -11.29
N ILE B 154 11.39 -1.40 -11.04
CA ILE B 154 12.36 -1.80 -12.08
C ILE B 154 11.62 -2.34 -13.31
N ALA B 155 10.66 -3.22 -13.09
CA ALA B 155 9.88 -3.76 -14.19
C ALA B 155 9.11 -2.70 -14.99
N TYR B 156 8.47 -1.76 -14.31
CA TYR B 156 7.80 -0.65 -15.02
C TYR B 156 8.79 0.18 -15.85
N CYS B 157 9.97 0.47 -15.31
CA CYS B 157 10.98 1.22 -16.09
C CYS B 157 11.40 0.44 -17.34
N LEU B 158 11.72 -0.83 -17.17
CA LEU B 158 12.16 -1.68 -18.28
C LEU B 158 11.10 -1.83 -19.38
N GLU B 159 9.84 -2.04 -19.00
CA GLU B 159 8.73 -2.09 -19.96
C GLU B 159 8.63 -0.79 -20.74
N HIS B 160 8.79 0.33 -20.04
CA HIS B 160 8.71 1.66 -20.63
C HIS B 160 9.81 1.87 -21.67
N MET B 161 11.03 1.52 -21.30
CA MET B 161 12.17 1.61 -22.23
C MET B 161 11.96 0.75 -23.48
N HIS B 162 11.37 -0.43 -23.32
CA HIS B 162 11.08 -1.28 -24.48
C HIS B 162 10.06 -0.63 -25.39
N GLN B 163 8.99 -0.11 -24.79
CA GLN B 163 7.95 0.61 -25.54
C GLN B 163 8.53 1.79 -26.35
N LEU B 164 9.45 2.53 -25.71
CA LEU B 164 10.15 3.65 -26.36
C LEU B 164 11.33 3.27 -27.26
N GLN B 165 11.65 1.98 -27.35
CA GLN B 165 12.74 1.46 -28.17
C GLN B 165 14.07 2.14 -27.87
N THR B 166 14.40 2.19 -26.58
CA THR B 166 15.69 2.73 -26.13
C THR B 166 16.40 1.70 -25.22
N PRO B 167 16.70 0.51 -25.76
CA PRO B 167 17.39 -0.50 -24.93
C PRO B 167 18.83 -0.15 -24.54
N ALA B 168 19.50 0.74 -25.28
CA ALA B 168 20.89 1.14 -24.99
C ALA B 168 21.06 1.70 -23.58
N ALA B 169 20.03 2.39 -23.09
CA ALA B 169 19.98 2.87 -21.71
C ALA B 169 20.09 1.74 -20.67
N LEU B 170 19.81 0.50 -21.09
CA LEU B 170 19.83 -0.66 -20.20
C LEU B 170 21.03 -1.57 -20.39
N ARG B 171 22.01 -1.15 -21.18
CA ARG B 171 23.14 -2.02 -21.51
C ARG B 171 23.99 -2.40 -20.28
N ASN B 172 23.97 -1.59 -19.24
CA ASN B 172 24.73 -1.85 -18.02
C ASN B 172 23.84 -2.26 -16.85
N PHE B 173 22.60 -2.62 -17.12
CA PHE B 173 21.60 -2.90 -16.08
C PHE B 173 22.00 -4.04 -15.15
N ASP B 174 22.08 -3.73 -13.85
CA ASP B 174 22.25 -4.73 -12.78
C ASP B 174 21.99 -4.03 -11.43
N SER B 175 22.20 -4.72 -10.31
CA SER B 175 21.85 -4.14 -9.01
C SER B 175 22.75 -2.96 -8.63
N THR B 176 23.93 -2.87 -9.26
CA THR B 176 24.85 -1.74 -9.01
C THR B 176 24.41 -0.47 -9.75
N THR B 177 23.47 -0.59 -10.69
CA THR B 177 23.00 0.56 -11.46
C THR B 177 21.54 0.96 -11.19
N VAL B 178 20.93 0.29 -10.21
CA VAL B 178 19.63 0.68 -9.72
C VAL B 178 19.89 1.43 -8.44
N TYR B 179 19.43 2.68 -8.40
CA TYR B 179 19.51 3.50 -7.20
C TYR B 179 18.18 3.58 -6.50
N LEU B 180 18.21 4.04 -5.25
CA LEU B 180 17.02 4.08 -4.40
C LEU B 180 16.70 5.52 -3.96
N THR B 181 15.43 5.88 -4.05
CA THR B 181 14.93 7.21 -3.70
C THR B 181 14.78 7.35 -2.19
N ASP B 182 14.41 8.54 -1.75
CA ASP B 182 14.21 8.81 -0.31
C ASP B 182 13.27 7.81 0.38
N ASP B 183 12.27 7.33 -0.34
CA ASP B 183 11.34 6.32 0.22
C ASP B 183 11.59 4.91 -0.35
N PHE B 184 12.80 4.66 -0.81
CA PHE B 184 13.25 3.36 -1.30
C PHE B 184 12.50 2.83 -2.52
N ALA B 185 12.09 3.71 -3.40
CA ALA B 185 11.61 3.33 -4.72
C ALA B 185 12.82 3.16 -5.64
N ALA B 186 12.66 2.39 -6.72
CA ALA B 186 13.73 2.13 -7.66
C ALA B 186 13.90 3.26 -8.68
N LYS B 187 15.15 3.57 -8.98
CA LYS B 187 15.49 4.37 -10.15
C LYS B 187 16.61 3.68 -10.92
N VAL B 188 16.24 3.09 -12.05
CA VAL B 188 17.19 2.45 -12.93
C VAL B 188 17.97 3.60 -13.57
N SER B 189 19.29 3.43 -13.69
CA SER B 189 20.16 4.52 -14.16
C SER B 189 20.92 4.15 -15.42
N ASP B 190 21.32 5.19 -16.16
CA ASP B 190 22.28 5.05 -17.26
C ASP B 190 23.27 6.20 -17.14
N LEU B 191 24.27 6.02 -16.29
CA LEU B 191 25.21 7.12 -15.97
C LEU B 191 26.48 7.09 -16.81
N GLU B 192 26.79 5.95 -17.41
CA GLU B 192 27.99 5.79 -18.23
C GLU B 192 27.78 6.41 -19.60
N PHE B 193 28.82 7.07 -20.11
CA PHE B 193 28.75 7.62 -21.46
C PHE B 193 28.69 6.48 -22.46
N TRP B 194 28.04 6.71 -23.60
CA TRP B 194 27.78 5.65 -24.58
C TRP B 194 29.00 5.39 -25.47
N ASN B 195 30.08 4.85 -24.89
CA ASN B 195 31.35 4.67 -25.59
C ASN B 195 31.59 3.21 -25.99
N SER B 211 23.44 -1.78 -27.37
CA SER B 211 22.07 -1.95 -27.84
C SER B 211 21.63 -3.42 -27.70
N PRO B 212 21.53 -3.91 -26.46
CA PRO B 212 21.28 -5.35 -26.21
C PRO B 212 19.88 -5.83 -26.61
N ASP B 213 19.76 -7.12 -26.90
CA ASP B 213 18.47 -7.74 -27.15
C ASP B 213 17.60 -7.50 -25.92
N MET B 214 16.32 -7.19 -26.13
CA MET B 214 15.41 -7.12 -24.99
C MET B 214 15.28 -8.46 -24.28
N GLU B 215 15.47 -9.56 -25.00
CA GLU B 215 15.48 -10.89 -24.39
C GLU B 215 16.59 -11.03 -23.35
N ASP B 216 17.75 -10.43 -23.62
CA ASP B 216 18.84 -10.41 -22.66
C ASP B 216 18.51 -9.55 -21.46
N ILE B 217 17.79 -8.45 -21.67
CA ILE B 217 17.40 -7.57 -20.56
C ILE B 217 16.37 -8.27 -19.66
N VAL B 218 15.44 -9.00 -20.28
CA VAL B 218 14.48 -9.82 -19.52
C VAL B 218 15.20 -10.85 -18.63
N ARG B 219 16.18 -11.56 -19.18
CA ARG B 219 17.00 -12.47 -18.39
C ARG B 219 17.67 -11.74 -17.23
N LYS B 220 18.24 -10.57 -17.50
CA LYS B 220 18.89 -9.81 -16.43
C LYS B 220 17.91 -9.37 -15.35
N TYR B 221 16.70 -8.97 -15.77
CA TYR B 221 15.65 -8.65 -14.82
C TYR B 221 15.39 -9.84 -13.90
N GLY B 222 15.28 -11.04 -14.46
CA GLY B 222 15.08 -12.25 -13.69
C GLY B 222 16.20 -12.49 -12.69
N MET B 223 17.44 -12.26 -13.13
CA MET B 223 18.60 -12.41 -12.23
C MET B 223 18.61 -11.38 -11.10
N VAL B 224 18.26 -10.14 -11.41
CA VAL B 224 18.14 -9.10 -10.37
C VAL B 224 16.99 -9.39 -9.40
N LEU B 225 15.84 -9.80 -9.92
CA LEU B 225 14.75 -10.21 -9.04
C LEU B 225 15.17 -11.35 -8.11
N LEU B 226 15.89 -12.33 -8.64
CA LEU B 226 16.38 -13.46 -7.84
C LEU B 226 17.35 -12.98 -6.76
N GLU B 227 18.21 -12.02 -7.14
CA GLU B 227 19.16 -11.40 -6.20
C GLU B 227 18.42 -10.69 -5.08
N ILE B 228 17.33 -10.00 -5.45
CA ILE B 228 16.50 -9.29 -4.47
C ILE B 228 15.85 -10.27 -3.49
N LEU B 229 15.34 -11.37 -4.03
CA LEU B 229 14.66 -12.37 -3.20
C LEU B 229 15.61 -13.13 -2.24
N THR B 230 16.82 -13.41 -2.70
CA THR B 230 17.75 -14.27 -1.99
C THR B 230 18.84 -13.51 -1.21
N GLY B 231 19.11 -12.28 -1.61
CA GLY B 231 20.28 -11.54 -1.10
C GLY B 231 21.63 -12.07 -1.60
N ARG B 232 21.60 -12.92 -2.63
CA ARG B 232 22.81 -13.54 -3.15
C ARG B 232 22.91 -13.27 -4.65
N VAL B 233 24.13 -13.14 -5.14
CA VAL B 233 24.36 -13.01 -6.58
C VAL B 233 24.17 -14.40 -7.21
N PRO B 234 23.23 -14.54 -8.16
CA PRO B 234 22.99 -15.85 -8.76
C PRO B 234 24.00 -16.23 -9.84
N LEU B 242 25.02 -20.67 -13.96
CA LEU B 242 24.21 -20.34 -12.79
C LEU B 242 24.58 -21.22 -11.60
N GLU B 243 24.60 -20.63 -10.40
CA GLU B 243 24.98 -21.35 -9.18
C GLU B 243 24.12 -22.60 -8.98
N ASN B 244 24.72 -23.61 -8.35
CA ASN B 244 24.05 -24.90 -8.13
C ASN B 244 22.74 -24.77 -7.34
N TRP B 245 22.68 -23.81 -6.42
CA TRP B 245 21.47 -23.60 -5.60
C TRP B 245 20.28 -23.10 -6.41
N VAL B 246 20.54 -22.44 -7.55
CA VAL B 246 19.48 -21.92 -8.39
C VAL B 246 18.71 -23.09 -9.01
N SER B 247 19.44 -23.95 -9.72
CA SER B 247 18.84 -25.11 -10.35
C SER B 247 18.21 -26.03 -9.28
N ARG B 248 18.85 -26.10 -8.11
CA ARG B 248 18.32 -26.88 -6.97
C ARG B 248 16.89 -26.47 -6.63
N TYR B 249 16.68 -25.16 -6.48
CA TYR B 249 15.32 -24.69 -6.21
C TYR B 249 14.41 -24.99 -7.40
N PHE B 250 14.83 -24.66 -8.62
CA PHE B 250 13.92 -24.77 -9.77
C PHE B 250 13.58 -26.21 -10.20
N GLU B 251 14.44 -27.16 -9.83
CA GLU B 251 14.15 -28.59 -10.04
C GLU B 251 13.38 -29.25 -8.88
N GLY B 252 13.01 -28.45 -7.87
CA GLY B 252 12.12 -28.89 -6.81
C GLY B 252 12.76 -29.39 -5.52
N GLY B 253 14.07 -29.14 -5.35
CA GLY B 253 14.80 -29.60 -4.17
C GLY B 253 15.04 -28.62 -3.02
N MET B 254 14.36 -27.49 -2.99
CA MET B 254 14.57 -26.50 -1.91
C MET B 254 13.29 -25.85 -1.42
N ARG B 255 13.15 -25.72 -0.10
CA ARG B 255 12.02 -25.00 0.48
C ARG B 255 12.23 -23.50 0.29
N LEU B 256 11.14 -22.73 0.16
CA LEU B 256 11.25 -21.27 0.06
C LEU B 256 11.95 -20.69 1.30
N GLU B 257 11.72 -21.30 2.45
CA GLU B 257 12.35 -20.85 3.69
C GLU B 257 13.87 -20.77 3.54
N GLU B 258 14.43 -21.69 2.76
CA GLU B 258 15.87 -21.73 2.52
C GLU B 258 16.33 -20.81 1.38
N LEU B 259 15.49 -20.61 0.37
CA LEU B 259 15.85 -19.75 -0.76
C LEU B 259 15.85 -18.27 -0.36
N ILE B 260 14.80 -17.85 0.34
CA ILE B 260 14.54 -16.44 0.59
C ILE B 260 15.51 -15.89 1.63
N ASP B 261 16.07 -14.71 1.33
CA ASP B 261 17.01 -14.02 2.20
C ASP B 261 16.60 -14.12 3.66
N PRO B 262 17.46 -14.72 4.51
CA PRO B 262 17.07 -14.88 5.92
C PRO B 262 16.84 -13.59 6.69
N SER B 263 17.35 -12.45 6.21
CA SER B 263 17.12 -11.18 6.89
C SER B 263 15.71 -10.61 6.69
N ILE B 264 14.93 -11.21 5.79
CA ILE B 264 13.53 -10.82 5.60
C ILE B 264 12.65 -11.40 6.71
N GLY B 265 11.99 -10.53 7.47
CA GLY B 265 11.27 -10.94 8.67
C GLY B 265 10.06 -11.81 8.41
N PHE B 266 9.34 -11.54 7.33
CA PHE B 266 8.26 -12.41 6.92
C PHE B 266 7.97 -12.25 5.45
N PHE B 267 7.68 -13.38 4.79
CA PHE B 267 7.19 -13.36 3.43
C PHE B 267 6.04 -14.34 3.33
N PRO B 268 4.99 -14.00 2.55
CA PRO B 268 3.97 -14.99 2.29
C PRO B 268 4.47 -16.02 1.28
N GLU B 269 4.28 -17.30 1.58
CA GLU B 269 4.86 -18.38 0.77
C GLU B 269 4.41 -18.29 -0.69
N ASP B 270 3.13 -18.07 -0.89
CA ASP B 270 2.60 -18.11 -2.24
C ASP B 270 3.04 -16.89 -3.06
N THR B 271 3.21 -15.75 -2.42
CA THR B 271 3.75 -14.56 -3.10
C THR B 271 5.19 -14.82 -3.55
N ALA B 272 6.01 -15.34 -2.64
CA ALA B 272 7.39 -15.70 -2.99
C ALA B 272 7.42 -16.74 -4.11
N ARG B 273 6.56 -17.75 -4.03
CA ARG B 273 6.50 -18.76 -5.07
C ARG B 273 6.17 -18.14 -6.44
N ALA B 274 5.19 -17.24 -6.44
CA ALA B 274 4.79 -16.57 -7.68
C ALA B 274 5.94 -15.75 -8.26
N LEU B 275 6.66 -15.07 -7.37
CA LEU B 275 7.81 -14.27 -7.80
C LEU B 275 8.95 -15.13 -8.36
N CYS B 276 9.19 -16.28 -7.74
CA CYS B 276 10.18 -17.22 -8.27
C CYS B 276 9.75 -17.82 -9.63
N GLU B 277 8.45 -17.89 -9.89
CA GLU B 277 7.97 -18.33 -11.22
C GLU B 277 8.27 -17.27 -12.29
N VAL B 278 8.16 -16.00 -11.92
CA VAL B 278 8.58 -14.91 -12.81
C VAL B 278 10.07 -15.03 -13.10
N VAL B 279 10.89 -15.22 -12.05
CA VAL B 279 12.32 -15.45 -12.24
C VAL B 279 12.56 -16.58 -13.24
N ARG B 280 11.93 -17.73 -12.98
CA ARG B 280 12.16 -18.92 -13.80
C ARG B 280 11.87 -18.68 -15.28
N SER B 281 10.76 -18.02 -15.59
CA SER B 281 10.41 -17.69 -16.96
C SER B 281 11.42 -16.72 -17.57
N CYS B 282 11.85 -15.73 -16.79
CA CYS B 282 12.79 -14.74 -17.29
C CYS B 282 14.18 -15.30 -17.62
N ILE B 283 14.64 -16.26 -16.83
CA ILE B 283 16.01 -16.75 -16.97
C ILE B 283 16.10 -18.05 -17.76
N ASP B 284 15.02 -18.43 -18.46
CA ASP B 284 15.06 -19.62 -19.30
C ASP B 284 16.26 -19.57 -20.25
N ARG B 285 16.99 -20.68 -20.35
CA ARG B 285 18.14 -20.76 -21.25
C ARG B 285 17.74 -20.50 -22.71
N ASP B 286 16.49 -20.77 -23.06
CA ASP B 286 15.98 -20.51 -24.41
C ASP B 286 15.38 -19.11 -24.44
N PRO B 287 16.04 -18.17 -25.13
CA PRO B 287 15.55 -16.78 -25.13
C PRO B 287 14.12 -16.63 -25.62
N LYS B 288 13.71 -17.48 -26.56
CA LYS B 288 12.37 -17.45 -27.13
C LYS B 288 11.28 -17.81 -26.11
N LYS B 289 11.64 -18.52 -25.04
CA LYS B 289 10.65 -18.95 -24.04
C LYS B 289 10.42 -17.84 -23.00
N ARG B 290 11.28 -16.84 -22.99
CA ARG B 290 11.18 -15.75 -22.02
C ARG B 290 9.98 -14.85 -22.32
N PRO B 291 9.34 -14.32 -21.28
CA PRO B 291 8.28 -13.35 -21.50
C PRO B 291 8.82 -12.01 -22.03
N GLN B 292 7.94 -11.23 -22.64
CA GLN B 292 8.24 -9.82 -22.98
C GLN B 292 8.14 -9.01 -21.69
N MET B 293 8.85 -7.89 -21.59
CA MET B 293 8.73 -7.07 -20.38
C MET B 293 7.31 -6.63 -20.05
N LYS B 294 6.48 -6.42 -21.07
CA LYS B 294 5.07 -6.08 -20.84
C LYS B 294 4.37 -7.17 -20.02
N GLU B 295 4.60 -8.43 -20.34
CA GLU B 295 4.02 -9.52 -19.54
C GLU B 295 4.65 -9.61 -18.15
N VAL B 296 5.97 -9.42 -18.06
CA VAL B 296 6.64 -9.41 -16.76
C VAL B 296 6.02 -8.33 -15.86
N ALA B 297 5.87 -7.11 -16.36
CA ALA B 297 5.31 -6.02 -15.54
C ALA B 297 3.87 -6.34 -15.12
N ALA B 298 3.10 -6.89 -16.06
CA ALA B 298 1.70 -7.26 -15.79
C ALA B 298 1.60 -8.27 -14.66
N ARG B 299 2.45 -9.29 -14.74
CA ARG B 299 2.45 -10.34 -13.75
C ARG B 299 2.94 -9.80 -12.40
N MET B 300 4.00 -8.98 -12.44
CA MET B 300 4.49 -8.37 -11.21
C MET B 300 3.45 -7.49 -10.52
N ARG B 301 2.68 -6.77 -11.33
CA ARG B 301 1.60 -5.93 -10.80
C ARG B 301 0.54 -6.77 -10.08
N GLU B 302 0.18 -7.90 -10.70
CA GLU B 302 -0.77 -8.84 -10.10
C GLU B 302 -0.26 -9.37 -8.77
N ILE B 303 1.01 -9.74 -8.73
CA ILE B 303 1.62 -10.34 -7.54
C ILE B 303 1.79 -9.33 -6.43
N THR B 304 2.32 -8.15 -6.75
CA THR B 304 2.65 -7.14 -5.74
C THR B 304 1.48 -6.22 -5.39
N ALA B 305 0.47 -6.16 -6.26
CA ALA B 305 -0.66 -5.23 -6.13
C ALA B 305 -0.23 -3.76 -6.14
N LEU B 306 0.89 -3.45 -6.79
CA LEU B 306 1.40 -2.08 -6.82
C LEU B 306 1.26 -1.53 -8.23
N GLY B 307 0.54 -0.42 -8.36
CA GLY B 307 0.35 0.23 -9.65
C GLY B 307 1.54 1.14 -9.93
N PRO B 308 1.59 1.69 -11.15
CA PRO B 308 2.73 2.54 -11.51
C PRO B 308 2.64 3.93 -10.86
#